data_7LDG
#
_entry.id   7LDG
#
_cell.length_a   179.889
_cell.length_b   179.889
_cell.length_c   179.186
_cell.angle_alpha   90.000
_cell.angle_beta   90.000
_cell.angle_gamma   120.000
#
_symmetry.space_group_name_H-M   'H 3 2'
#
loop_
_entity.id
_entity.type
_entity.pdbx_description
1 polymer 'Heat shock factor 2-binding protein'
2 polymer 'Breast cancer type 2 susceptibility protein'
3 water water
#
loop_
_entity_poly.entity_id
_entity_poly.type
_entity_poly.pdbx_seq_one_letter_code
_entity_poly.pdbx_strand_id
1 'polypeptide(L)'
;SARLETVQADNIREKKEKLALRQQLNEAKQQLLQQAEYCTE(MSE)GAAACTLLWGVSSSEEVVKAILGGDKALKFFSIT
GQT(MSE)ESFVKSLDGDVQELDSDESQFVFALAGIVTNVAAIACGREFLVNSSRVLLDTILQLLGDLKPGQCTKLKVL
(MSE)L(MSE)SLYNVSINLKGLKYISESPGFIPLLWWLLSDPDAEVCLHVLRLVQSVVLEPEVFSKSASEFRSSLPLQR
ILA(MSE)SKSRNPRLQTAAQELLEDLRTLEHNV
;
A,C
2 'polypeptide(L)' (MSE)KRRGEPLILVGEPSIKRNLLNEFDRIIENQEKSLKASKSTPDGTIKDRRLF(MSE)HHVSLEPITCVPF B,D
#
# COMPACT_ATOMS: atom_id res chain seq x y z
N GLN A 24 -18.75 18.94 -28.70
CA GLN A 24 -18.32 19.16 -27.31
C GLN A 24 -18.60 17.93 -26.48
N LEU A 25 -19.81 17.37 -26.64
CA LEU A 25 -20.17 16.12 -25.97
C LEU A 25 -19.08 15.07 -26.17
N ASN A 26 -18.67 14.84 -27.41
CA ASN A 26 -17.69 13.80 -27.69
C ASN A 26 -16.37 14.10 -27.02
N GLU A 27 -15.96 15.38 -26.99
CA GLU A 27 -14.72 15.74 -26.33
C GLU A 27 -14.80 15.50 -24.82
N ALA A 28 -15.97 15.74 -24.22
CA ALA A 28 -16.14 15.49 -22.80
C ALA A 28 -16.05 14.00 -22.50
N LYS A 29 -16.76 13.17 -23.27
CA LYS A 29 -16.68 11.72 -23.07
C LYS A 29 -15.26 11.22 -23.31
N GLN A 30 -14.54 11.83 -24.24
CA GLN A 30 -13.23 11.32 -24.62
C GLN A 30 -12.25 11.39 -23.45
N GLN A 31 -12.12 12.56 -22.82
CA GLN A 31 -11.21 12.69 -21.70
C GLN A 31 -11.79 12.17 -20.39
N LEU A 32 -13.09 11.87 -20.34
CA LEU A 32 -13.62 11.08 -19.23
C LEU A 32 -13.03 9.68 -19.25
N LEU A 33 -13.01 9.05 -20.44
CA LEU A 33 -12.31 7.78 -20.59
C LEU A 33 -10.82 7.92 -20.30
N GLN A 34 -10.22 9.04 -20.72
CA GLN A 34 -8.80 9.26 -20.49
C GLN A 34 -8.51 9.45 -19.01
N GLN A 35 -9.44 10.04 -18.25
CA GLN A 35 -9.24 10.18 -16.82
C GLN A 35 -9.36 8.85 -16.09
N ALA A 36 -10.26 7.98 -16.55
CA ALA A 36 -10.44 6.70 -15.87
C ALA A 36 -9.22 5.80 -16.04
N GLU A 37 -8.65 5.76 -17.26
CA GLU A 37 -7.53 4.87 -17.48
C GLU A 37 -6.29 5.31 -16.71
N TYR A 38 -6.09 6.62 -16.56
CA TYR A 38 -5.02 7.11 -15.70
C TYR A 38 -5.28 6.73 -14.25
N CYS A 39 -6.54 6.89 -13.80
CA CYS A 39 -6.86 6.63 -12.40
C CYS A 39 -6.61 5.16 -12.05
N THR A 40 -7.12 4.24 -12.88
CA THR A 40 -6.89 2.82 -12.61
C THR A 40 -5.41 2.46 -12.75
N GLU A 41 -4.67 3.17 -13.60
CA GLU A 41 -3.24 2.91 -13.73
C GLU A 41 -2.51 3.29 -12.45
N MSE A 42 -2.77 4.48 -11.93
CA MSE A 42 -2.20 4.91 -10.66
C MSE A 42 -2.65 3.98 -9.54
O MSE A 42 -1.85 3.53 -8.72
CB MSE A 42 -2.59 6.36 -10.34
CG MSE A 42 -2.12 6.84 -8.97
SE MSE A 42 -0.19 7.23 -8.83
CE MSE A 42 0.47 5.45 -8.53
N GLY A 43 -3.96 3.68 -9.52
CA GLY A 43 -4.48 2.79 -8.49
C GLY A 43 -3.82 1.43 -8.54
N ALA A 44 -3.66 0.86 -9.74
CA ALA A 44 -3.04 -0.46 -9.84
C ALA A 44 -1.58 -0.41 -9.42
N ALA A 45 -0.87 0.66 -9.78
CA ALA A 45 0.56 0.75 -9.45
C ALA A 45 0.76 0.94 -7.96
N ALA A 46 0.12 1.97 -7.39
CA ALA A 46 0.32 2.28 -5.98
C ALA A 46 -0.11 1.12 -5.09
N CYS A 47 -1.29 0.55 -5.35
CA CYS A 47 -1.83 -0.46 -4.46
C CYS A 47 -1.11 -1.81 -4.61
N THR A 48 -0.56 -2.10 -5.79
CA THR A 48 0.24 -3.31 -5.93
C THR A 48 1.51 -3.22 -5.10
N LEU A 49 2.17 -2.07 -5.12
CA LEU A 49 3.31 -1.86 -4.24
C LEU A 49 2.91 -2.05 -2.78
N LEU A 50 1.76 -1.49 -2.39
CA LEU A 50 1.27 -1.66 -1.03
C LEU A 50 0.96 -3.13 -0.73
N TRP A 51 0.27 -3.81 -1.64
CA TRP A 51 0.00 -5.22 -1.45
C TRP A 51 1.30 -6.00 -1.33
N GLY A 52 2.31 -5.66 -2.12
CA GLY A 52 3.59 -6.34 -2.04
C GLY A 52 4.22 -6.28 -0.66
N VAL A 53 4.19 -5.10 -0.02
CA VAL A 53 4.85 -4.95 1.27
C VAL A 53 3.93 -5.24 2.45
N SER A 54 2.63 -5.41 2.23
CA SER A 54 1.70 -5.61 3.35
C SER A 54 1.86 -6.97 4.02
N SER A 55 2.67 -7.87 3.45
CA SER A 55 2.96 -9.14 4.12
C SER A 55 3.80 -8.95 5.38
N SER A 56 4.34 -7.76 5.60
CA SER A 56 5.16 -7.48 6.77
C SER A 56 4.28 -7.00 7.93
N GLU A 57 4.48 -7.60 9.11
CA GLU A 57 3.76 -7.14 10.29
C GLU A 57 4.04 -5.67 10.57
N GLU A 58 5.30 -5.25 10.44
CA GLU A 58 5.64 -3.87 10.71
C GLU A 58 5.00 -2.92 9.70
N VAL A 59 4.84 -3.37 8.46
CA VAL A 59 4.16 -2.53 7.47
C VAL A 59 2.68 -2.38 7.82
N VAL A 60 2.05 -3.48 8.27
CA VAL A 60 0.63 -3.43 8.64
C VAL A 60 0.45 -2.47 9.80
N LYS A 61 1.25 -2.62 10.85
CA LYS A 61 1.19 -1.72 12.00
C LYS A 61 1.37 -0.27 11.57
N ALA A 62 2.34 -0.02 10.69
CA ALA A 62 2.54 1.32 10.17
C ALA A 62 1.31 1.82 9.43
N ILE A 63 0.68 0.97 8.62
CA ILE A 63 -0.51 1.38 7.87
C ILE A 63 -1.62 1.77 8.83
N LEU A 64 -1.88 0.95 9.84
CA LEU A 64 -2.94 1.24 10.80
C LEU A 64 -2.70 2.55 11.53
N GLY A 65 -1.46 3.03 11.57
CA GLY A 65 -1.14 4.29 12.22
C GLY A 65 -1.85 5.48 11.61
N GLY A 66 -2.70 6.12 12.41
CA GLY A 66 -3.36 7.35 12.04
C GLY A 66 -4.78 7.13 11.57
N ASP A 67 -5.41 8.24 11.18
CA ASP A 67 -6.71 8.19 10.52
C ASP A 67 -6.60 7.88 9.04
N LYS A 68 -5.37 7.90 8.49
CA LYS A 68 -5.19 7.59 7.09
C LYS A 68 -5.57 6.15 6.77
N ALA A 69 -5.45 5.25 7.75
CA ALA A 69 -5.98 3.91 7.59
C ALA A 69 -7.49 3.93 7.35
N LEU A 70 -8.21 4.75 8.13
CA LEU A 70 -9.66 4.83 8.00
C LEU A 70 -10.07 5.28 6.61
N LYS A 71 -9.50 6.39 6.14
CA LYS A 71 -9.87 6.91 4.82
C LYS A 71 -9.50 5.93 3.72
N PHE A 72 -8.38 5.21 3.88
CA PHE A 72 -7.98 4.26 2.85
C PHE A 72 -8.96 3.09 2.76
N PHE A 73 -9.27 2.46 3.89
CA PHE A 73 -10.20 1.33 3.87
C PHE A 73 -11.61 1.76 3.46
N SER A 74 -11.97 3.01 3.74
CA SER A 74 -13.26 3.51 3.26
C SER A 74 -13.30 3.57 1.75
N ILE A 75 -12.32 4.23 1.14
CA ILE A 75 -12.26 4.33 -0.32
C ILE A 75 -11.96 2.97 -0.95
N THR A 76 -11.36 2.05 -0.19
CA THR A 76 -11.12 0.71 -0.72
C THR A 76 -12.43 -0.02 -1.00
N GLY A 77 -13.35 0.00 -0.03
CA GLY A 77 -14.63 -0.67 -0.24
C GLY A 77 -15.42 -0.06 -1.38
N GLN A 78 -15.36 1.27 -1.51
CA GLN A 78 -16.09 1.93 -2.60
C GLN A 78 -15.57 1.47 -3.95
N THR A 79 -14.26 1.31 -4.09
CA THR A 79 -13.68 0.98 -5.40
C THR A 79 -14.01 -0.45 -5.80
N MSE A 80 -13.85 -1.38 -4.87
CA MSE A 80 -14.20 -2.78 -5.12
C MSE A 80 -15.65 -2.85 -5.56
O MSE A 80 -15.98 -3.49 -6.56
CB MSE A 80 -13.96 -3.62 -3.86
CG MSE A 80 -12.51 -3.65 -3.39
SE MSE A 80 -12.29 -4.62 -1.70
CE MSE A 80 -12.49 -6.45 -2.34
N GLU A 81 -16.51 -2.17 -4.79
CA GLU A 81 -17.93 -2.12 -5.13
C GLU A 81 -18.15 -1.50 -6.50
N SER A 82 -17.51 -0.35 -6.75
CA SER A 82 -17.71 0.34 -8.02
C SER A 82 -17.25 -0.51 -9.20
N PHE A 83 -16.18 -1.29 -9.02
CA PHE A 83 -15.67 -2.09 -10.12
C PHE A 83 -16.52 -3.35 -10.33
N VAL A 84 -16.94 -4.00 -9.24
CA VAL A 84 -17.79 -5.19 -9.39
C VAL A 84 -19.10 -4.84 -10.05
N LYS A 85 -19.65 -3.64 -9.75
CA LYS A 85 -20.91 -3.24 -10.35
C LYS A 85 -20.78 -3.07 -11.86
N SER A 86 -19.57 -2.76 -12.36
CA SER A 86 -19.39 -2.52 -13.78
C SER A 86 -19.49 -3.79 -14.62
N LEU A 87 -19.71 -4.95 -14.01
CA LEU A 87 -19.83 -6.19 -14.75
C LEU A 87 -21.27 -6.47 -15.16
N LEU A 94 -13.34 -7.29 -16.66
CA LEU A 94 -12.49 -6.15 -16.35
C LEU A 94 -11.11 -6.31 -16.99
N ASP A 95 -10.57 -5.20 -17.49
CA ASP A 95 -9.24 -5.22 -18.10
C ASP A 95 -8.18 -5.58 -17.07
N SER A 96 -6.97 -5.83 -17.55
CA SER A 96 -5.88 -6.23 -16.65
C SER A 96 -5.46 -5.11 -15.71
N ASP A 97 -5.81 -3.87 -16.01
CA ASP A 97 -5.51 -2.76 -15.11
C ASP A 97 -6.48 -2.72 -13.94
N GLU A 98 -7.78 -2.54 -14.23
CA GLU A 98 -8.79 -2.50 -13.15
C GLU A 98 -8.76 -3.78 -12.32
N SER A 99 -8.55 -4.93 -12.96
CA SER A 99 -8.55 -6.18 -12.23
C SER A 99 -7.38 -6.26 -11.27
N GLN A 100 -6.20 -5.81 -11.70
CA GLN A 100 -5.05 -5.79 -10.80
C GLN A 100 -5.28 -4.80 -9.66
N PHE A 101 -5.97 -3.70 -9.93
CA PHE A 101 -6.33 -2.72 -8.91
C PHE A 101 -7.16 -3.38 -7.79
N VAL A 102 -8.25 -4.07 -8.15
CA VAL A 102 -9.10 -4.64 -7.11
C VAL A 102 -8.41 -5.83 -6.43
N PHE A 103 -7.61 -6.58 -7.18
CA PHE A 103 -6.84 -7.66 -6.55
C PHE A 103 -5.95 -7.10 -5.45
N ALA A 104 -5.29 -5.97 -5.73
CA ALA A 104 -4.41 -5.36 -4.75
C ALA A 104 -5.19 -4.91 -3.52
N LEU A 105 -6.34 -4.26 -3.73
CA LEU A 105 -7.18 -3.85 -2.61
C LEU A 105 -7.60 -5.04 -1.77
N ALA A 106 -8.07 -6.11 -2.43
CA ALA A 106 -8.44 -7.31 -1.70
C ALA A 106 -7.23 -7.97 -1.03
N GLY A 107 -6.05 -7.86 -1.64
CA GLY A 107 -4.87 -8.46 -1.04
C GLY A 107 -4.41 -7.71 0.20
N ILE A 108 -4.48 -6.38 0.16
CA ILE A 108 -4.11 -5.59 1.33
C ILE A 108 -5.01 -5.93 2.51
N VAL A 109 -6.33 -5.92 2.29
CA VAL A 109 -7.28 -6.25 3.35
C VAL A 109 -6.97 -7.60 3.97
N THR A 110 -6.67 -8.59 3.12
CA THR A 110 -6.32 -9.92 3.60
C THR A 110 -5.11 -9.88 4.51
N ASN A 111 -4.05 -9.16 4.10
CA ASN A 111 -2.80 -9.17 4.86
C ASN A 111 -2.90 -8.35 6.13
N VAL A 112 -3.66 -7.25 6.11
CA VAL A 112 -3.99 -6.57 7.36
C VAL A 112 -4.69 -7.53 8.31
N ALA A 113 -5.71 -8.22 7.81
CA ALA A 113 -6.48 -9.13 8.64
C ALA A 113 -5.64 -10.30 9.16
N ALA A 114 -4.53 -10.61 8.49
CA ALA A 114 -3.66 -11.69 8.96
C ALA A 114 -2.92 -11.32 10.25
N ILE A 115 -2.80 -10.04 10.57
CA ILE A 115 -2.17 -9.59 11.80
C ILE A 115 -3.25 -9.38 12.84
N ALA A 116 -3.01 -9.85 14.06
CA ALA A 116 -4.02 -9.81 15.12
C ALA A 116 -4.59 -8.41 15.31
N CYS A 117 -3.72 -7.41 15.39
CA CYS A 117 -4.21 -6.04 15.54
C CYS A 117 -4.86 -5.54 14.27
N GLY A 118 -4.54 -6.14 13.12
CA GLY A 118 -5.19 -5.73 11.88
C GLY A 118 -6.64 -6.18 11.82
N ARG A 119 -6.89 -7.46 12.12
CA ARG A 119 -8.26 -7.96 12.16
C ARG A 119 -9.05 -7.30 13.28
N GLU A 120 -8.39 -6.98 14.40
CA GLU A 120 -9.04 -6.22 15.46
C GLU A 120 -9.40 -4.81 15.00
N PHE A 121 -8.52 -4.18 14.21
CA PHE A 121 -8.83 -2.86 13.69
C PHE A 121 -9.99 -2.90 12.71
N LEU A 122 -10.06 -3.93 11.87
CA LEU A 122 -11.07 -3.97 10.83
C LEU A 122 -12.47 -4.17 11.41
N VAL A 123 -12.60 -4.97 12.46
CA VAL A 123 -13.91 -5.19 13.06
C VAL A 123 -14.35 -4.03 13.95
N ASN A 124 -13.40 -3.25 14.47
CA ASN A 124 -13.76 -2.11 15.31
C ASN A 124 -13.97 -0.84 14.50
N SER A 125 -13.27 -0.71 13.37
CA SER A 125 -13.23 0.55 12.65
C SER A 125 -13.64 0.46 11.18
N SER A 126 -13.84 -0.73 10.63
CA SER A 126 -14.12 -0.86 9.20
C SER A 126 -15.20 -1.90 8.95
N ARG A 127 -16.26 -1.88 9.75
CA ARG A 127 -17.36 -2.81 9.53
C ARG A 127 -18.08 -2.53 8.22
N VAL A 128 -18.04 -1.29 7.74
CA VAL A 128 -18.62 -0.97 6.44
C VAL A 128 -17.90 -1.76 5.34
N LEU A 129 -16.56 -1.81 5.41
CA LEU A 129 -15.80 -2.56 4.43
C LEU A 129 -16.10 -4.06 4.53
N LEU A 130 -16.22 -4.58 5.76
CA LEU A 130 -16.59 -5.99 5.91
C LEU A 130 -17.95 -6.25 5.29
N ASP A 131 -18.90 -5.32 5.45
CA ASP A 131 -20.19 -5.45 4.80
C ASP A 131 -20.04 -5.49 3.28
N THR A 132 -19.30 -4.53 2.73
CA THR A 132 -19.06 -4.49 1.29
C THR A 132 -18.50 -5.81 0.78
N ILE A 133 -17.52 -6.36 1.49
CA ILE A 133 -16.92 -7.62 1.06
C ILE A 133 -17.96 -8.73 1.04
N LEU A 134 -18.80 -8.80 2.08
CA LEU A 134 -19.87 -9.78 2.12
C LEU A 134 -20.86 -9.55 0.98
N GLN A 135 -21.23 -8.29 0.76
CA GLN A 135 -22.13 -7.96 -0.35
C GLN A 135 -21.55 -8.38 -1.68
N LEU A 136 -20.28 -8.00 -1.94
CA LEU A 136 -19.69 -8.26 -3.24
C LEU A 136 -19.53 -9.75 -3.52
N LEU A 137 -19.31 -10.56 -2.48
CA LEU A 137 -19.26 -12.00 -2.69
C LEU A 137 -20.59 -12.52 -3.22
N GLY A 138 -21.70 -11.87 -2.87
CA GLY A 138 -23.00 -12.27 -3.39
C GLY A 138 -23.33 -11.74 -4.76
N ASP A 139 -22.68 -10.63 -5.18
CA ASP A 139 -22.95 -10.09 -6.51
C ASP A 139 -22.25 -10.88 -7.61
N LEU A 140 -21.09 -11.46 -7.31
CA LEU A 140 -20.30 -12.15 -8.33
C LEU A 140 -20.91 -13.51 -8.61
N LYS A 141 -21.39 -13.70 -9.85
CA LYS A 141 -21.94 -14.97 -10.26
C LYS A 141 -20.85 -16.04 -10.24
N PRO A 142 -21.23 -17.31 -10.08
CA PRO A 142 -20.21 -18.38 -10.08
C PRO A 142 -19.42 -18.39 -11.38
N GLY A 143 -18.12 -18.17 -11.27
CA GLY A 143 -17.22 -18.19 -12.41
C GLY A 143 -16.71 -16.84 -12.86
N GLN A 144 -17.16 -15.74 -12.28
CA GLN A 144 -16.64 -14.42 -12.60
C GLN A 144 -15.78 -13.91 -11.46
N CYS A 145 -14.56 -13.47 -11.79
CA CYS A 145 -13.61 -12.93 -10.82
C CYS A 145 -13.27 -13.97 -9.75
N THR A 146 -12.92 -15.17 -10.20
CA THR A 146 -12.58 -16.26 -9.29
C THR A 146 -11.48 -15.86 -8.33
N LYS A 147 -10.46 -15.16 -8.83
CA LYS A 147 -9.35 -14.78 -7.95
C LYS A 147 -9.77 -13.69 -6.96
N LEU A 148 -10.65 -12.78 -7.37
CA LEU A 148 -11.13 -11.77 -6.42
C LEU A 148 -11.92 -12.41 -5.30
N LYS A 149 -12.70 -13.46 -5.60
CA LYS A 149 -13.47 -14.15 -4.57
C LYS A 149 -12.55 -14.82 -3.56
N VAL A 150 -11.50 -15.49 -4.03
CA VAL A 150 -10.57 -16.16 -3.14
C VAL A 150 -9.93 -15.16 -2.17
N LEU A 151 -9.45 -14.04 -2.71
CA LEU A 151 -8.86 -12.99 -1.88
C LEU A 151 -9.85 -12.50 -0.83
N MSE A 152 -11.08 -12.21 -1.25
CA MSE A 152 -12.10 -11.75 -0.31
C MSE A 152 -12.44 -12.83 0.71
O MSE A 152 -12.61 -12.55 1.90
CB MSE A 152 -13.35 -11.30 -1.06
CG MSE A 152 -13.14 -9.98 -1.80
SE MSE A 152 -14.73 -9.21 -2.61
CE MSE A 152 -15.26 -10.73 -3.69
N LEU A 153 -12.49 -14.09 0.26
CA LEU A 153 -12.74 -15.18 1.19
C LEU A 153 -11.61 -15.34 2.20
N MSE A 154 -10.38 -15.05 1.78
CA MSE A 154 -9.23 -15.15 2.66
C MSE A 154 -9.30 -14.10 3.76
O MSE A 154 -9.01 -14.39 4.92
CB MSE A 154 -7.94 -14.99 1.87
CG MSE A 154 -7.47 -16.26 1.22
SE MSE A 154 -6.01 -15.86 -0.01
CE MSE A 154 -5.59 -17.66 -0.57
N SER A 155 -9.69 -12.87 3.39
CA SER A 155 -9.83 -11.82 4.38
C SER A 155 -10.92 -12.18 5.40
N LEU A 156 -12.04 -12.71 4.93
CA LEU A 156 -13.10 -13.11 5.84
C LEU A 156 -12.62 -14.19 6.81
N TYR A 157 -11.89 -15.18 6.29
CA TYR A 157 -11.32 -16.21 7.15
C TYR A 157 -10.41 -15.58 8.21
N ASN A 158 -9.51 -14.69 7.79
CA ASN A 158 -8.61 -14.03 8.74
C ASN A 158 -9.40 -13.25 9.78
N VAL A 159 -10.42 -12.49 9.34
CA VAL A 159 -11.22 -11.71 10.28
C VAL A 159 -11.93 -12.64 11.26
N SER A 160 -12.34 -13.83 10.81
CA SER A 160 -13.04 -14.75 11.67
C SER A 160 -12.17 -15.34 12.77
N ILE A 161 -10.85 -15.14 12.71
CA ILE A 161 -10.00 -15.55 13.81
C ILE A 161 -10.18 -14.62 15.01
N ASN A 162 -10.43 -13.35 14.76
CA ASN A 162 -10.79 -12.43 15.83
C ASN A 162 -12.19 -12.76 16.34
N LEU A 163 -12.36 -12.67 17.66
CA LEU A 163 -13.60 -13.17 18.26
C LEU A 163 -14.78 -12.26 17.91
N LYS A 164 -14.60 -10.95 18.02
CA LYS A 164 -15.63 -10.03 17.52
C LYS A 164 -15.82 -10.20 16.03
N GLY A 165 -14.75 -10.52 15.29
CA GLY A 165 -14.88 -10.68 13.86
C GLY A 165 -15.73 -11.86 13.49
N LEU A 166 -15.58 -12.98 14.21
CA LEU A 166 -16.42 -14.14 13.97
C LEU A 166 -17.87 -13.82 14.26
N LYS A 167 -18.13 -13.08 15.35
CA LYS A 167 -19.50 -12.75 15.72
C LYS A 167 -20.15 -11.89 14.64
N TYR A 168 -19.47 -10.83 14.21
CA TYR A 168 -20.05 -9.93 13.23
C TYR A 168 -20.30 -10.64 11.90
N ILE A 169 -19.38 -11.51 11.48
CA ILE A 169 -19.55 -12.20 10.21
C ILE A 169 -20.70 -13.19 10.28
N SER A 170 -20.69 -14.08 11.28
CA SER A 170 -21.68 -15.13 11.34
C SER A 170 -23.06 -14.62 11.74
N GLU A 171 -23.15 -13.41 12.29
CA GLU A 171 -24.43 -12.76 12.55
C GLU A 171 -24.90 -11.90 11.37
N SER A 172 -24.08 -11.75 10.35
CA SER A 172 -24.49 -10.97 9.19
C SER A 172 -25.71 -11.64 8.56
N PRO A 173 -26.75 -10.88 8.22
CA PRO A 173 -27.93 -11.49 7.62
C PRO A 173 -27.60 -12.06 6.26
N GLY A 174 -28.00 -13.30 6.02
CA GLY A 174 -27.67 -13.95 4.78
C GLY A 174 -26.28 -14.53 4.70
N PHE A 175 -25.58 -14.65 5.83
CA PHE A 175 -24.21 -15.18 5.79
C PHE A 175 -24.20 -16.64 5.35
N ILE A 176 -25.02 -17.48 6.01
CA ILE A 176 -25.10 -18.89 5.61
C ILE A 176 -25.60 -19.06 4.18
N PRO A 177 -26.66 -18.36 3.73
CA PRO A 177 -27.01 -18.44 2.30
C PRO A 177 -25.87 -18.10 1.39
N LEU A 178 -25.04 -17.13 1.78
CA LEU A 178 -23.88 -16.75 0.97
C LEU A 178 -22.95 -17.94 0.76
N LEU A 179 -22.78 -18.77 1.79
CA LEU A 179 -21.91 -19.94 1.66
C LEU A 179 -22.43 -20.91 0.61
N TRP A 180 -23.73 -21.19 0.62
CA TRP A 180 -24.34 -22.00 -0.43
C TRP A 180 -24.11 -21.39 -1.80
N TRP A 181 -24.37 -20.08 -1.93
CA TRP A 181 -24.20 -19.39 -3.19
C TRP A 181 -22.76 -19.50 -3.70
N LEU A 182 -21.78 -19.36 -2.80
CA LEU A 182 -20.40 -19.44 -3.23
C LEU A 182 -19.99 -20.87 -3.59
N LEU A 183 -20.53 -21.86 -2.88
CA LEU A 183 -20.22 -23.25 -3.18
C LEU A 183 -20.78 -23.73 -4.51
N SER A 184 -21.59 -22.91 -5.19
CA SER A 184 -22.07 -23.25 -6.52
C SER A 184 -21.05 -22.92 -7.60
N ASP A 185 -19.93 -22.31 -7.23
CA ASP A 185 -18.85 -22.07 -8.18
C ASP A 185 -18.09 -23.38 -8.41
N PRO A 186 -17.93 -23.82 -9.66
CA PRO A 186 -17.20 -25.07 -9.90
C PRO A 186 -15.70 -24.97 -9.66
N ASP A 187 -15.16 -23.76 -9.52
CA ASP A 187 -13.74 -23.60 -9.25
C ASP A 187 -13.38 -24.22 -7.90
N ALA A 188 -12.39 -25.11 -7.92
CA ALA A 188 -12.04 -25.84 -6.70
C ALA A 188 -11.40 -24.92 -5.66
N GLU A 189 -10.68 -23.89 -6.09
CA GLU A 189 -10.02 -23.02 -5.12
C GLU A 189 -11.02 -22.15 -4.37
N VAL A 190 -12.07 -21.67 -5.07
CA VAL A 190 -13.14 -20.97 -4.39
C VAL A 190 -13.80 -21.87 -3.34
N CYS A 191 -14.03 -23.13 -3.71
CA CYS A 191 -14.70 -24.06 -2.80
C CYS A 191 -13.81 -24.41 -1.62
N LEU A 192 -12.52 -24.59 -1.86
CA LEU A 192 -11.58 -24.83 -0.75
C LEU A 192 -11.66 -23.71 0.27
N HIS A 193 -11.71 -22.46 -0.20
CA HIS A 193 -11.66 -21.34 0.73
C HIS A 193 -13.01 -21.09 1.40
N VAL A 194 -14.11 -21.48 0.76
CA VAL A 194 -15.39 -21.49 1.45
C VAL A 194 -15.36 -22.47 2.61
N LEU A 195 -14.89 -23.69 2.34
CA LEU A 195 -14.80 -24.70 3.40
C LEU A 195 -13.86 -24.27 4.51
N ARG A 196 -12.82 -23.53 4.19
CA ARG A 196 -11.96 -22.98 5.22
C ARG A 196 -12.75 -22.03 6.13
N LEU A 197 -13.51 -21.13 5.52
CA LEU A 197 -14.35 -20.23 6.29
C LEU A 197 -15.37 -21.00 7.11
N VAL A 198 -15.98 -22.04 6.53
CA VAL A 198 -16.95 -22.85 7.27
C VAL A 198 -16.26 -23.56 8.43
N GLN A 199 -15.09 -24.16 8.16
CA GLN A 199 -14.30 -24.78 9.22
C GLN A 199 -14.12 -23.84 10.40
N SER A 200 -13.79 -22.59 10.11
CA SER A 200 -13.61 -21.60 11.16
C SER A 200 -14.89 -21.40 11.97
N VAL A 201 -16.03 -21.27 11.29
CA VAL A 201 -17.25 -20.85 11.96
C VAL A 201 -17.83 -21.97 12.83
N VAL A 202 -17.78 -23.22 12.36
CA VAL A 202 -18.39 -24.31 13.11
C VAL A 202 -17.62 -24.68 14.37
N LEU A 203 -16.37 -24.24 14.51
CA LEU A 203 -15.61 -24.54 15.71
C LEU A 203 -15.98 -23.65 16.88
N GLU A 204 -16.97 -22.77 16.71
CA GLU A 204 -17.45 -21.92 17.80
C GLU A 204 -18.91 -22.22 18.09
N PRO A 205 -19.22 -23.07 19.07
CA PRO A 205 -20.63 -23.42 19.33
C PRO A 205 -21.44 -22.30 19.98
N GLU A 206 -20.82 -21.31 20.62
CA GLU A 206 -21.58 -20.31 21.35
C GLU A 206 -22.37 -19.40 20.41
N VAL A 207 -21.75 -18.97 19.31
CA VAL A 207 -22.44 -18.12 18.35
C VAL A 207 -23.43 -18.89 17.48
N PHE A 208 -23.47 -20.23 17.61
CA PHE A 208 -24.39 -21.04 16.81
C PHE A 208 -25.80 -20.48 16.87
N SER A 209 -26.46 -20.45 15.71
CA SER A 209 -27.84 -19.99 15.63
C SER A 209 -28.75 -20.95 16.39
N LYS A 210 -29.28 -20.51 17.53
CA LYS A 210 -30.20 -21.30 18.33
C LYS A 210 -29.60 -22.67 18.65
N SER A 211 -30.23 -23.73 18.14
CA SER A 211 -29.77 -25.09 18.37
C SER A 211 -28.57 -25.40 17.48
N ALA A 212 -27.60 -26.13 18.06
CA ALA A 212 -26.42 -26.52 17.29
C ALA A 212 -26.80 -27.48 16.16
N SER A 213 -27.70 -28.43 16.43
CA SER A 213 -28.12 -29.36 15.40
C SER A 213 -28.89 -28.66 14.29
N GLU A 214 -29.68 -27.63 14.64
CA GLU A 214 -30.38 -26.85 13.63
C GLU A 214 -29.41 -26.05 12.77
N PHE A 215 -28.35 -25.50 13.40
CA PHE A 215 -27.34 -24.78 12.64
C PHE A 215 -26.63 -25.68 11.65
N ARG A 216 -26.33 -26.92 12.07
CA ARG A 216 -25.73 -27.88 11.15
C ARG A 216 -26.63 -28.10 9.93
N SER A 217 -27.95 -28.15 10.15
CA SER A 217 -28.89 -28.39 9.05
C SER A 217 -28.99 -27.22 8.10
N SER A 218 -28.56 -26.02 8.52
CA SER A 218 -28.55 -24.87 7.61
C SER A 218 -27.32 -24.85 6.70
N LEU A 219 -26.34 -25.74 6.93
CA LEU A 219 -25.11 -25.76 6.13
C LEU A 219 -25.30 -26.59 4.87
N PRO A 220 -24.53 -26.30 3.81
CA PRO A 220 -24.68 -27.08 2.57
C PRO A 220 -24.08 -28.46 2.68
N LEU A 221 -24.71 -29.31 3.51
CA LEU A 221 -24.16 -30.63 3.79
C LEU A 221 -24.05 -31.48 2.53
N GLN A 222 -25.05 -31.40 1.64
CA GLN A 222 -24.99 -32.19 0.42
C GLN A 222 -23.78 -31.81 -0.42
N ARG A 223 -23.50 -30.52 -0.55
CA ARG A 223 -22.36 -30.09 -1.33
C ARG A 223 -21.05 -30.46 -0.65
N ILE A 224 -21.00 -30.37 0.68
CA ILE A 224 -19.78 -30.74 1.40
C ILE A 224 -19.51 -32.24 1.23
N LEU A 225 -20.54 -33.06 1.45
CA LEU A 225 -20.39 -34.51 1.27
C LEU A 225 -19.98 -34.85 -0.15
N ALA A 226 -20.51 -34.12 -1.14
CA ALA A 226 -20.11 -34.35 -2.52
C ALA A 226 -18.63 -34.01 -2.72
N MSE A 227 -18.14 -32.98 -2.03
CA MSE A 227 -16.76 -32.56 -2.17
C MSE A 227 -15.81 -33.45 -1.40
O MSE A 227 -14.62 -33.52 -1.71
CB MSE A 227 -16.59 -31.11 -1.73
CG MSE A 227 -16.97 -30.13 -2.81
SE MSE A 227 -17.36 -28.36 -2.13
CE MSE A 227 -18.16 -27.63 -3.74
N SER A 228 -16.33 -34.14 -0.39
CA SER A 228 -15.53 -35.14 0.32
C SER A 228 -15.21 -36.34 -0.54
N LYS A 229 -15.63 -36.33 -1.80
CA LYS A 229 -15.34 -37.36 -2.80
C LYS A 229 -14.88 -36.72 -4.10
N SER A 230 -14.07 -35.67 -3.99
CA SER A 230 -13.67 -34.87 -5.13
C SER A 230 -12.30 -35.32 -5.65
N ARG A 231 -12.04 -35.03 -6.93
CA ARG A 231 -10.75 -35.36 -7.52
C ARG A 231 -9.62 -34.55 -6.90
N ASN A 232 -9.89 -33.28 -6.59
CA ASN A 232 -8.88 -32.40 -6.07
C ASN A 232 -8.44 -32.89 -4.69
N PRO A 233 -7.16 -33.20 -4.47
CA PRO A 233 -6.77 -33.75 -3.16
C PRO A 233 -6.95 -32.77 -2.02
N ARG A 234 -6.57 -31.50 -2.20
CA ARG A 234 -6.71 -30.53 -1.12
C ARG A 234 -8.18 -30.29 -0.78
N LEU A 235 -9.01 -30.16 -1.81
CA LEU A 235 -10.44 -29.93 -1.59
C LEU A 235 -11.10 -31.16 -0.98
N GLN A 236 -10.68 -32.35 -1.39
CA GLN A 236 -11.24 -33.58 -0.82
C GLN A 236 -10.94 -33.67 0.67
N THR A 237 -9.69 -33.34 1.07
CA THR A 237 -9.34 -33.41 2.48
C THR A 237 -10.05 -32.33 3.28
N ALA A 238 -10.17 -31.12 2.72
CA ALA A 238 -10.88 -30.05 3.40
C ALA A 238 -12.32 -30.45 3.71
N ALA A 239 -13.05 -30.92 2.69
CA ALA A 239 -14.44 -31.32 2.90
C ALA A 239 -14.53 -32.50 3.86
N GLN A 240 -13.60 -33.45 3.73
CA GLN A 240 -13.65 -34.64 4.58
C GLN A 240 -13.41 -34.29 6.05
N GLU A 241 -12.45 -33.40 6.32
CA GLU A 241 -12.21 -33.00 7.69
C GLU A 241 -13.37 -32.17 8.23
N LEU A 242 -13.90 -31.25 7.41
CA LEU A 242 -15.08 -30.49 7.81
C LEU A 242 -16.24 -31.41 8.11
N LEU A 243 -16.37 -32.51 7.35
CA LEU A 243 -17.43 -33.47 7.64
C LEU A 243 -17.27 -34.09 9.01
N GLU A 244 -16.04 -34.35 9.43
CA GLU A 244 -15.80 -34.96 10.74
C GLU A 244 -16.26 -34.02 11.86
N ASP A 245 -15.90 -32.74 11.76
CA ASP A 245 -16.30 -31.78 12.78
C ASP A 245 -17.82 -31.70 12.91
N LEU A 246 -18.52 -31.81 11.78
CA LEU A 246 -19.97 -31.67 11.81
C LEU A 246 -20.64 -32.87 12.47
N ARG A 247 -20.12 -34.07 12.22
CA ARG A 247 -20.76 -35.26 12.76
C ARG A 247 -20.60 -35.35 14.28
N THR A 248 -19.54 -34.77 14.83
CA THR A 248 -19.24 -34.86 16.25
C THR A 248 -19.80 -33.70 17.05
N LEU A 249 -20.86 -33.06 16.57
CA LEU A 249 -21.56 -32.07 17.37
C LEU A 249 -23.00 -32.54 17.60
N LYS B 17 28.15 -21.41 28.36
CA LYS B 17 29.26 -21.71 27.47
C LYS B 17 30.49 -22.17 28.24
N ARG B 18 31.66 -22.12 27.58
CA ARG B 18 32.90 -22.60 28.19
C ARG B 18 33.16 -21.92 29.53
N ASN B 19 33.20 -20.58 29.53
CA ASN B 19 33.35 -19.79 30.74
C ASN B 19 31.98 -19.24 31.16
N LEU B 20 31.56 -19.57 32.37
CA LEU B 20 30.24 -19.15 32.86
C LEU B 20 30.34 -17.80 33.58
N LEU B 21 30.68 -16.77 32.80
CA LEU B 21 30.75 -15.41 33.33
C LEU B 21 29.46 -14.62 33.08
N ASN B 22 29.09 -14.45 31.81
CA ASN B 22 27.85 -13.75 31.46
C ASN B 22 26.85 -14.65 30.75
N GLU B 23 27.33 -15.59 29.94
CA GLU B 23 26.48 -16.38 29.07
C GLU B 23 26.02 -17.63 29.82
N PHE B 24 24.73 -17.68 30.16
CA PHE B 24 24.15 -18.80 30.88
C PHE B 24 23.07 -19.54 30.10
N ASP B 25 22.84 -19.17 28.84
CA ASP B 25 21.89 -19.93 28.04
C ASP B 25 22.43 -21.31 27.75
N ARG B 26 21.54 -22.30 27.79
CA ARG B 26 21.95 -23.68 27.54
C ARG B 26 22.30 -23.85 26.07
N ILE B 27 23.32 -24.66 25.81
CA ILE B 27 23.71 -25.05 24.46
C ILE B 27 23.29 -26.50 24.25
N ILE B 28 22.55 -26.75 23.18
CA ILE B 28 22.05 -28.09 22.88
C ILE B 28 23.01 -28.76 21.90
N GLU B 29 23.29 -30.04 22.14
CA GLU B 29 24.26 -30.75 21.31
C GLU B 29 23.69 -31.25 19.99
N ASN B 30 22.38 -31.20 19.80
CA ASN B 30 21.74 -31.63 18.57
C ASN B 30 21.20 -30.42 17.82
N GLN B 31 21.61 -30.27 16.55
CA GLN B 31 21.17 -29.12 15.76
C GLN B 31 19.65 -29.11 15.58
N GLU B 32 19.04 -30.28 15.46
CA GLU B 32 17.61 -30.33 15.13
C GLU B 32 16.74 -29.90 16.31
N LYS B 33 17.18 -30.19 17.54
CA LYS B 33 16.35 -29.98 18.72
C LYS B 33 16.82 -28.74 19.50
N SER B 34 16.63 -27.58 18.87
CA SER B 34 17.04 -26.33 19.48
C SER B 34 15.98 -25.83 20.46
N LEU B 35 16.42 -25.08 21.45
CA LEU B 35 15.51 -24.38 22.34
C LEU B 35 15.07 -23.06 21.69
N LYS B 36 13.78 -22.80 21.70
CA LYS B 36 13.21 -21.66 20.98
C LYS B 36 12.16 -21.00 21.85
N ALA B 37 12.41 -19.77 22.29
CA ALA B 37 11.49 -19.03 23.13
C ALA B 37 10.31 -18.51 22.32
N SER B 38 9.17 -18.32 23.00
CA SER B 38 7.96 -17.82 22.38
C SER B 38 7.51 -16.53 23.05
N LYS B 39 7.07 -15.57 22.24
CA LYS B 39 6.55 -14.30 22.73
C LYS B 39 5.03 -14.26 22.63
N SER B 40 4.44 -13.21 23.21
CA SER B 40 2.99 -13.02 23.19
C SER B 40 2.69 -11.55 22.92
N THR B 41 1.46 -11.30 22.45
CA THR B 41 0.96 -9.96 22.19
C THR B 41 -0.41 -9.79 22.83
N PRO B 42 -0.80 -8.53 23.16
CA PRO B 42 -2.12 -8.30 23.76
C PRO B 42 -3.27 -8.75 22.87
N ASP B 43 -3.34 -8.24 21.64
CA ASP B 43 -4.25 -8.80 20.65
C ASP B 43 -3.72 -10.16 20.22
N GLY B 44 -4.58 -11.17 20.22
CA GLY B 44 -4.06 -12.49 19.93
C GLY B 44 -4.11 -13.36 21.16
N THR B 45 -3.78 -12.79 22.31
CA THR B 45 -4.15 -13.40 23.58
C THR B 45 -5.54 -12.97 24.00
N ILE B 46 -5.87 -11.69 23.84
CA ILE B 46 -7.12 -11.15 24.34
C ILE B 46 -8.21 -11.15 23.27
N LYS B 47 -7.92 -10.62 22.08
CA LYS B 47 -8.95 -10.40 21.07
C LYS B 47 -9.14 -11.58 20.11
N ASP B 48 -8.17 -12.47 20.00
CA ASP B 48 -8.29 -13.59 19.07
C ASP B 48 -8.99 -14.78 19.71
N ARG B 49 -9.43 -15.70 18.87
CA ARG B 49 -9.98 -16.94 19.34
C ARG B 49 -8.87 -17.91 19.68
N ARG B 50 -9.12 -18.76 20.67
CA ARG B 50 -8.20 -19.85 20.99
C ARG B 50 -8.46 -20.97 19.99
N LEU B 51 -7.68 -20.98 18.91
CA LEU B 51 -7.89 -21.92 17.82
C LEU B 51 -6.85 -23.03 17.79
N PHE B 52 -6.15 -23.27 18.90
CA PHE B 52 -5.22 -24.39 19.00
C PHE B 52 -5.94 -25.52 19.75
N MSE B 53 -6.83 -26.20 19.03
CA MSE B 53 -7.62 -27.27 19.61
C MSE B 53 -7.02 -28.62 19.26
O MSE B 53 -5.98 -28.68 18.59
CB MSE B 53 -9.06 -27.19 19.13
CG MSE B 53 -9.66 -25.84 19.30
SE MSE B 53 -11.03 -25.66 17.96
CE MSE B 53 -11.92 -27.37 18.27
N HIS B 54 -7.67 -29.69 19.69
CA HIS B 54 -7.02 -31.01 19.64
C HIS B 54 -6.91 -31.56 18.23
N HIS B 55 -7.88 -31.29 17.36
CA HIS B 55 -7.89 -31.89 16.03
C HIS B 55 -7.43 -30.94 14.93
N VAL B 56 -7.35 -29.63 15.18
CA VAL B 56 -6.94 -28.66 14.18
C VAL B 56 -6.32 -27.47 14.87
N SER B 57 -5.47 -26.75 14.14
CA SER B 57 -4.99 -25.44 14.54
C SER B 57 -5.25 -24.49 13.39
N LEU B 58 -6.09 -23.49 13.63
CA LEU B 58 -6.41 -22.49 12.63
C LEU B 58 -5.48 -21.30 12.77
N GLU B 59 -4.82 -20.93 11.69
CA GLU B 59 -3.84 -19.86 11.69
C GLU B 59 -4.08 -18.93 10.51
N PRO B 60 -3.69 -17.66 10.64
CA PRO B 60 -3.99 -16.68 9.59
C PRO B 60 -3.31 -17.04 8.26
N ILE B 61 -3.78 -16.40 7.20
CA ILE B 61 -3.31 -16.68 5.85
C ILE B 61 -2.80 -15.37 5.26
N THR B 62 -1.70 -15.46 4.50
CA THR B 62 -1.05 -14.30 3.90
C THR B 62 -0.85 -14.55 2.41
N CYS B 63 -0.95 -13.49 1.61
CA CYS B 63 -0.82 -13.63 0.17
C CYS B 63 0.13 -12.56 -0.35
N VAL B 64 1.09 -12.97 -1.18
CA VAL B 64 2.02 -12.01 -1.80
C VAL B 64 1.86 -12.11 -3.32
N PRO B 65 1.85 -10.99 -4.02
CA PRO B 65 1.79 -11.03 -5.49
C PRO B 65 3.17 -11.19 -6.12
N PHE B 66 3.16 -11.46 -7.42
CA PHE B 66 4.39 -11.69 -8.17
C PHE B 66 4.83 -10.45 -8.94
N ARG C 22 -26.68 18.45 -26.66
CA ARG C 22 -26.48 19.35 -25.53
C ARG C 22 -27.42 18.98 -24.38
N GLN C 23 -28.29 18.01 -24.64
CA GLN C 23 -29.19 17.46 -23.64
C GLN C 23 -28.57 16.29 -22.88
N GLN C 24 -27.26 16.10 -22.99
CA GLN C 24 -26.51 15.07 -22.27
C GLN C 24 -25.13 15.58 -21.86
N LEU C 25 -24.92 16.89 -21.86
CA LEU C 25 -23.58 17.48 -21.73
C LEU C 25 -23.28 17.93 -20.31
N ASN C 26 -24.14 18.78 -19.73
CA ASN C 26 -23.86 19.28 -18.38
C ASN C 26 -23.82 18.14 -17.37
N GLU C 27 -24.69 17.14 -17.53
CA GLU C 27 -24.64 15.99 -16.64
C GLU C 27 -23.32 15.25 -16.80
N ALA C 28 -22.86 15.05 -18.03
CA ALA C 28 -21.59 14.37 -18.24
C ALA C 28 -20.44 15.18 -17.66
N LYS C 29 -20.56 16.51 -17.64
CA LYS C 29 -19.48 17.34 -17.11
C LYS C 29 -19.38 17.20 -15.59
N GLN C 30 -20.52 17.09 -14.90
CA GLN C 30 -20.48 16.91 -13.46
C GLN C 30 -19.91 15.55 -13.09
N GLN C 31 -20.28 14.50 -13.85
CA GLN C 31 -19.68 13.19 -13.66
C GLN C 31 -18.17 13.23 -13.86
N LEU C 32 -17.71 14.10 -14.77
CA LEU C 32 -16.27 14.31 -14.92
C LEU C 32 -15.65 14.81 -13.62
N LEU C 33 -16.30 15.78 -12.98
CA LEU C 33 -15.75 16.37 -11.76
C LEU C 33 -15.82 15.38 -10.60
N GLN C 34 -16.89 14.58 -10.54
CA GLN C 34 -17.03 13.62 -9.44
C GLN C 34 -15.97 12.54 -9.52
N GLN C 35 -15.65 12.08 -10.74
CA GLN C 35 -14.57 11.11 -10.90
C GLN C 35 -13.23 11.69 -10.48
N ALA C 36 -12.95 12.94 -10.86
CA ALA C 36 -11.71 13.59 -10.47
C ALA C 36 -11.58 13.64 -8.96
N GLU C 37 -12.67 13.93 -8.26
CA GLU C 37 -12.62 13.97 -6.79
C GLU C 37 -12.39 12.59 -6.21
N TYR C 38 -13.13 11.60 -6.70
CA TYR C 38 -12.92 10.24 -6.22
C TYR C 38 -11.52 9.73 -6.55
N CYS C 39 -10.92 10.24 -7.62
CA CYS C 39 -9.61 9.77 -8.03
C CYS C 39 -8.50 10.29 -7.11
N THR C 40 -8.43 11.61 -6.94
CA THR C 40 -7.43 12.18 -6.04
C THR C 40 -7.69 11.82 -4.58
N GLU C 41 -8.87 11.31 -4.26
CA GLU C 41 -9.16 10.84 -2.91
C GLU C 41 -8.51 9.48 -2.65
N MSE C 42 -8.56 8.59 -3.63
CA MSE C 42 -7.89 7.30 -3.54
C MSE C 42 -6.37 7.50 -3.67
O MSE C 42 -5.58 6.83 -3.00
CB MSE C 42 -8.40 6.32 -4.61
CG MSE C 42 -7.56 5.06 -4.80
SE MSE C 42 -7.45 3.88 -3.22
CE MSE C 42 -9.04 2.78 -3.52
N GLY C 43 -5.97 8.44 -4.53
CA GLY C 43 -4.56 8.73 -4.70
C GLY C 43 -3.92 9.24 -3.42
N ALA C 44 -4.57 10.21 -2.77
CA ALA C 44 -4.03 10.73 -1.52
C ALA C 44 -3.98 9.65 -0.44
N ALA C 45 -4.99 8.78 -0.39
CA ALA C 45 -5.03 7.76 0.64
C ALA C 45 -3.95 6.71 0.41
N ALA C 46 -3.87 6.18 -0.81
CA ALA C 46 -2.93 5.10 -1.09
C ALA C 46 -1.48 5.57 -1.00
N CYS C 47 -1.20 6.78 -1.51
CA CYS C 47 0.19 7.24 -1.55
C CYS C 47 0.66 7.78 -0.21
N THR C 48 -0.24 8.31 0.61
CA THR C 48 0.15 8.67 1.97
C THR C 48 0.61 7.45 2.75
N LEU C 49 -0.01 6.29 2.50
CA LEU C 49 0.42 5.06 3.16
C LEU C 49 1.79 4.64 2.66
N LEU C 50 2.02 4.71 1.35
CA LEU C 50 3.34 4.45 0.79
C LEU C 50 4.36 5.43 1.36
N TRP C 51 4.02 6.71 1.39
CA TRP C 51 4.89 7.73 1.99
C TRP C 51 5.33 7.32 3.38
N GLY C 52 4.40 6.81 4.18
CA GLY C 52 4.72 6.47 5.56
C GLY C 52 5.66 5.28 5.67
N VAL C 53 5.32 4.17 5.01
CA VAL C 53 6.13 2.97 5.13
C VAL C 53 7.45 3.08 4.37
N SER C 54 7.54 3.98 3.39
CA SER C 54 8.76 4.12 2.59
C SER C 54 9.94 4.66 3.38
N SER C 55 9.75 5.00 4.66
CA SER C 55 10.87 5.41 5.49
C SER C 55 11.75 4.23 5.87
N SER C 56 11.24 3.00 5.74
CA SER C 56 12.02 1.81 6.01
C SER C 56 12.82 1.40 4.79
N GLU C 57 14.08 1.00 5.01
CA GLU C 57 14.94 0.60 3.91
C GLU C 57 14.45 -0.70 3.27
N GLU C 58 14.06 -1.68 4.10
CA GLU C 58 13.58 -2.96 3.58
C GLU C 58 12.36 -2.75 2.68
N VAL C 59 11.48 -1.83 3.05
CA VAL C 59 10.28 -1.57 2.26
C VAL C 59 10.65 -1.01 0.90
N VAL C 60 11.62 -0.07 0.87
CA VAL C 60 12.05 0.52 -0.40
C VAL C 60 12.62 -0.55 -1.32
N LYS C 61 13.43 -1.46 -0.76
CA LYS C 61 13.96 -2.57 -1.55
C LYS C 61 12.82 -3.39 -2.14
N ALA C 62 11.89 -3.83 -1.30
CA ALA C 62 10.75 -4.63 -1.76
C ALA C 62 9.97 -3.91 -2.86
N ILE C 63 9.78 -2.60 -2.72
CA ILE C 63 9.05 -1.84 -3.74
C ILE C 63 9.77 -1.92 -5.07
N LEU C 64 11.09 -1.71 -5.06
CA LEU C 64 11.84 -1.70 -6.30
C LEU C 64 11.94 -3.08 -6.94
N GLY C 65 11.78 -4.16 -6.16
CA GLY C 65 11.80 -5.50 -6.72
C GLY C 65 10.52 -5.93 -7.42
N GLY C 66 9.49 -5.09 -7.43
CA GLY C 66 8.27 -5.39 -8.12
C GLY C 66 8.26 -4.83 -9.52
N ASP C 67 7.41 -5.40 -10.36
CA ASP C 67 7.28 -4.94 -11.74
C ASP C 67 6.60 -3.57 -11.82
N LYS C 68 5.81 -3.21 -10.81
CA LYS C 68 5.08 -1.96 -10.86
C LYS C 68 5.95 -0.75 -10.55
N ALA C 69 7.15 -0.98 -10.00
CA ALA C 69 8.05 0.11 -9.64
C ALA C 69 8.27 1.06 -10.81
N LEU C 70 8.67 0.51 -11.97
CA LEU C 70 8.85 1.34 -13.16
C LEU C 70 7.58 2.08 -13.50
N LYS C 71 6.45 1.38 -13.53
CA LYS C 71 5.18 2.01 -13.89
C LYS C 71 4.77 3.05 -12.84
N PHE C 72 5.04 2.77 -11.55
CA PHE C 72 4.63 3.69 -10.51
C PHE C 72 5.34 5.03 -10.62
N PHE C 73 6.66 5.00 -10.80
CA PHE C 73 7.42 6.25 -10.80
C PHE C 73 7.22 7.02 -12.10
N SER C 74 6.93 6.31 -13.20
CA SER C 74 6.60 7.00 -14.45
C SER C 74 5.35 7.86 -14.28
N ILE C 75 4.27 7.25 -13.78
CA ILE C 75 3.02 8.00 -13.61
C ILE C 75 3.10 8.97 -12.44
N THR C 76 3.99 8.71 -11.47
CA THR C 76 4.27 9.69 -10.43
C THR C 76 4.61 11.04 -11.04
N GLY C 77 5.64 11.07 -11.91
CA GLY C 77 6.04 12.32 -12.52
C GLY C 77 4.96 12.95 -13.38
N GLN C 78 4.14 12.12 -14.04
CA GLN C 78 3.02 12.64 -14.83
C GLN C 78 2.05 13.40 -13.93
N THR C 79 1.48 12.71 -12.94
CA THR C 79 0.47 13.34 -12.10
C THR C 79 1.03 14.50 -11.30
N MSE C 80 2.32 14.46 -10.97
CA MSE C 80 2.99 15.59 -10.32
C MSE C 80 2.97 16.82 -11.23
O MSE C 80 2.53 17.90 -10.82
CB MSE C 80 4.44 15.24 -9.96
CG MSE C 80 4.60 14.56 -8.62
SE MSE C 80 6.46 14.24 -8.13
CE MSE C 80 7.11 16.07 -8.23
N GLU C 81 3.43 16.64 -12.47
CA GLU C 81 3.43 17.74 -13.42
C GLU C 81 2.01 18.16 -13.78
N SER C 82 1.08 17.21 -13.86
CA SER C 82 -0.30 17.53 -14.19
C SER C 82 -0.89 18.53 -13.20
N PHE C 83 -0.75 18.25 -11.90
CA PHE C 83 -1.42 19.07 -10.90
C PHE C 83 -0.79 20.46 -10.79
N VAL C 84 0.54 20.54 -10.88
CA VAL C 84 1.19 21.84 -10.71
C VAL C 84 0.84 22.81 -11.81
N LYS C 85 0.44 22.31 -12.99
CA LYS C 85 0.00 23.20 -14.06
C LYS C 85 -1.41 23.74 -13.83
N SER C 86 -1.98 23.51 -12.65
CA SER C 86 -3.24 24.12 -12.26
C SER C 86 -2.96 25.41 -11.50
N LEU C 94 -5.03 25.58 -3.54
CA LEU C 94 -4.42 24.47 -4.25
C LEU C 94 -5.04 23.14 -3.85
N ASP C 95 -6.18 23.23 -3.15
CA ASP C 95 -6.95 22.07 -2.68
C ASP C 95 -6.20 21.32 -1.59
N SER C 96 -6.92 20.53 -0.78
CA SER C 96 -6.31 19.75 0.30
C SER C 96 -6.04 18.32 -0.10
N ASP C 97 -7.05 17.60 -0.60
CA ASP C 97 -6.83 16.24 -1.08
C ASP C 97 -5.78 16.21 -2.19
N GLU C 98 -5.80 17.20 -3.08
CA GLU C 98 -4.80 17.25 -4.14
C GLU C 98 -3.42 17.56 -3.59
N SER C 99 -3.33 18.52 -2.67
CA SER C 99 -2.04 18.85 -2.07
C SER C 99 -1.43 17.65 -1.36
N GLN C 100 -2.27 16.88 -0.67
CA GLN C 100 -1.75 15.68 0.01
C GLN C 100 -1.28 14.64 -0.99
N PHE C 101 -1.99 14.51 -2.11
CA PHE C 101 -1.59 13.59 -3.17
C PHE C 101 -0.18 13.89 -3.65
N VAL C 102 0.05 15.12 -4.10
CA VAL C 102 1.33 15.46 -4.71
C VAL C 102 2.45 15.45 -3.68
N PHE C 103 2.19 15.93 -2.46
CA PHE C 103 3.19 15.84 -1.40
C PHE C 103 3.59 14.39 -1.17
N ALA C 104 2.61 13.48 -1.17
CA ALA C 104 2.91 12.07 -0.93
C ALA C 104 3.81 11.51 -2.02
N LEU C 105 3.56 11.89 -3.27
CA LEU C 105 4.42 11.43 -4.36
C LEU C 105 5.84 11.95 -4.18
N ALA C 106 5.99 13.27 -4.02
CA ALA C 106 7.31 13.84 -3.77
C ALA C 106 7.95 13.24 -2.53
N GLY C 107 7.16 12.93 -1.50
CA GLY C 107 7.71 12.32 -0.31
C GLY C 107 8.20 10.90 -0.54
N ILE C 108 7.46 10.14 -1.36
CA ILE C 108 7.90 8.78 -1.69
C ILE C 108 9.22 8.84 -2.45
N VAL C 109 9.28 9.67 -3.48
CA VAL C 109 10.51 9.84 -4.26
C VAL C 109 11.67 10.19 -3.34
N THR C 110 11.43 11.14 -2.43
CA THR C 110 12.48 11.55 -1.50
C THR C 110 12.98 10.38 -0.66
N ASN C 111 12.06 9.54 -0.19
CA ASN C 111 12.47 8.45 0.70
C ASN C 111 13.12 7.32 -0.07
N VAL C 112 12.64 7.04 -1.29
CA VAL C 112 13.30 6.07 -2.15
C VAL C 112 14.71 6.54 -2.49
N ALA C 113 14.84 7.82 -2.85
CA ALA C 113 16.14 8.38 -3.21
C ALA C 113 17.11 8.37 -2.03
N ALA C 114 16.61 8.31 -0.80
CA ALA C 114 17.49 8.28 0.36
C ALA C 114 18.18 6.93 0.52
N ILE C 115 17.70 5.90 -0.18
CA ILE C 115 18.29 4.57 -0.14
C ILE C 115 19.20 4.41 -1.35
N ALA C 116 20.36 3.78 -1.14
CA ALA C 116 21.37 3.66 -2.20
C ALA C 116 20.77 3.04 -3.45
N CYS C 117 20.17 1.85 -3.32
CA CYS C 117 19.53 1.22 -4.46
C CYS C 117 18.37 2.06 -4.99
N GLY C 118 17.76 2.87 -4.13
CA GLY C 118 16.66 3.72 -4.58
C GLY C 118 17.11 4.78 -5.55
N ARG C 119 18.18 5.52 -5.20
CA ARG C 119 18.66 6.54 -6.13
C ARG C 119 19.31 5.92 -7.35
N GLU C 120 19.98 4.77 -7.19
CA GLU C 120 20.44 4.02 -8.36
C GLU C 120 19.27 3.73 -9.30
N PHE C 121 18.17 3.23 -8.74
CA PHE C 121 17.00 2.91 -9.57
C PHE C 121 16.48 4.14 -10.30
N LEU C 122 16.41 5.28 -9.61
CA LEU C 122 15.76 6.45 -10.22
C LEU C 122 16.60 7.00 -11.36
N VAL C 123 17.91 6.98 -11.24
CA VAL C 123 18.76 7.53 -12.29
C VAL C 123 18.90 6.53 -13.44
N ASN C 124 18.84 5.22 -13.16
CA ASN C 124 18.88 4.24 -14.24
C ASN C 124 17.58 4.20 -15.02
N SER C 125 16.45 4.44 -14.36
CA SER C 125 15.15 4.05 -14.91
C SER C 125 14.08 5.12 -14.92
N SER C 126 14.21 6.19 -14.14
CA SER C 126 13.13 7.17 -14.03
C SER C 126 13.67 8.59 -14.21
N ARG C 127 14.50 8.78 -15.23
CA ARG C 127 15.09 10.10 -15.44
C ARG C 127 14.06 11.10 -15.93
N VAL C 128 12.98 10.65 -16.57
CA VAL C 128 11.90 11.56 -16.95
C VAL C 128 11.27 12.16 -15.70
N LEU C 129 11.15 11.35 -14.64
CA LEU C 129 10.74 11.87 -13.34
C LEU C 129 11.70 12.94 -12.84
N LEU C 130 13.00 12.67 -12.91
CA LEU C 130 13.99 13.65 -12.46
C LEU C 130 13.87 14.94 -13.26
N ASP C 131 13.71 14.83 -14.59
CA ASP C 131 13.54 16.03 -15.41
C ASP C 131 12.31 16.83 -14.98
N THR C 132 11.20 16.12 -14.70
CA THR C 132 10.00 16.79 -14.24
C THR C 132 10.26 17.54 -12.93
N ILE C 133 10.98 16.91 -12.00
CA ILE C 133 11.28 17.56 -10.73
C ILE C 133 12.12 18.81 -10.96
N LEU C 134 13.13 18.71 -11.82
CA LEU C 134 13.94 19.89 -12.17
C LEU C 134 13.08 20.96 -12.84
N GLN C 135 12.15 20.54 -13.70
CA GLN C 135 11.28 21.49 -14.38
C GLN C 135 10.38 22.22 -13.40
N LEU C 136 9.64 21.46 -12.59
CA LEU C 136 8.65 22.07 -11.70
C LEU C 136 9.29 22.97 -10.66
N LEU C 137 10.51 22.65 -10.23
CA LEU C 137 11.25 23.56 -9.36
C LEU C 137 11.40 24.94 -9.99
N GLY C 138 11.33 25.03 -11.32
CA GLY C 138 11.39 26.30 -12.01
C GLY C 138 10.04 26.93 -12.26
N ASP C 139 9.00 26.10 -12.43
CA ASP C 139 7.67 26.64 -12.73
C ASP C 139 6.97 27.19 -11.49
N LEU C 140 7.29 26.67 -10.31
CA LEU C 140 6.73 27.18 -9.06
C LEU C 140 7.36 28.52 -8.72
N LYS C 141 6.53 29.55 -8.58
CA LYS C 141 7.04 30.85 -8.17
C LYS C 141 7.22 30.92 -6.66
N PRO C 142 8.18 31.72 -6.16
CA PRO C 142 8.48 31.71 -4.71
C PRO C 142 7.25 32.00 -3.85
N GLY C 143 6.74 30.98 -3.16
CA GLY C 143 5.60 31.16 -2.30
C GLY C 143 4.51 30.14 -2.48
N GLN C 144 4.37 29.59 -3.69
CA GLN C 144 3.36 28.58 -3.95
C GLN C 144 3.96 27.18 -3.80
N CYS C 145 3.27 26.34 -3.04
CA CYS C 145 3.70 24.97 -2.76
C CYS C 145 5.15 24.93 -2.27
N THR C 146 5.48 25.84 -1.35
CA THR C 146 6.80 25.84 -0.74
C THR C 146 7.13 24.48 -0.12
N LYS C 147 6.12 23.81 0.45
CA LYS C 147 6.32 22.47 0.99
C LYS C 147 6.73 21.50 -0.11
N LEU C 148 6.12 21.61 -1.28
CA LEU C 148 6.49 20.74 -2.40
C LEU C 148 7.88 21.06 -2.91
N LYS C 149 8.23 22.35 -2.99
CA LYS C 149 9.56 22.74 -3.43
C LYS C 149 10.63 22.21 -2.49
N VAL C 150 10.33 22.15 -1.19
CA VAL C 150 11.31 21.65 -0.22
C VAL C 150 11.54 20.15 -0.41
N LEU C 151 10.46 19.40 -0.62
CA LEU C 151 10.60 17.95 -0.79
C LEU C 151 11.39 17.62 -2.05
N MSE C 152 11.07 18.30 -3.16
CA MSE C 152 11.76 18.06 -4.42
C MSE C 152 13.25 18.40 -4.30
O MSE C 152 14.10 17.64 -4.78
CB MSE C 152 11.10 18.85 -5.55
CG MSE C 152 9.71 18.34 -5.87
SE MSE C 152 8.87 19.13 -7.45
CE MSE C 152 9.07 21.01 -7.00
N LEU C 153 13.56 19.51 -3.63
CA LEU C 153 14.97 19.84 -3.39
C LEU C 153 15.65 18.76 -2.57
N MSE C 154 14.94 18.19 -1.60
CA MSE C 154 15.50 17.09 -0.82
C MSE C 154 15.77 15.87 -1.68
O MSE C 154 16.76 15.16 -1.48
CB MSE C 154 14.55 16.72 0.33
CG MSE C 154 14.57 17.67 1.52
SE MSE C 154 13.09 17.33 2.74
CE MSE C 154 13.57 15.56 3.37
N SER C 155 14.88 15.62 -2.65
CA SER C 155 15.02 14.43 -3.47
C SER C 155 16.18 14.56 -4.45
N LEU C 156 16.37 15.75 -5.02
CA LEU C 156 17.51 15.96 -5.91
C LEU C 156 18.83 15.84 -5.16
N TYR C 157 18.90 16.35 -3.94
CA TYR C 157 20.09 16.13 -3.13
C TYR C 157 20.33 14.65 -2.90
N ASN C 158 19.26 13.89 -2.65
CA ASN C 158 19.44 12.49 -2.30
C ASN C 158 19.97 11.70 -3.49
N VAL C 159 19.41 11.92 -4.68
CA VAL C 159 19.91 11.17 -5.83
C VAL C 159 21.30 11.64 -6.22
N SER C 160 21.66 12.88 -5.87
CA SER C 160 23.00 13.38 -6.18
C SER C 160 24.09 12.72 -5.34
N ILE C 161 23.72 12.00 -4.27
CA ILE C 161 24.69 11.15 -3.59
C ILE C 161 25.18 10.06 -4.53
N ASN C 162 24.40 9.72 -5.56
CA ASN C 162 24.75 8.72 -6.54
C ASN C 162 25.51 9.39 -7.69
N LEU C 163 26.65 8.81 -8.07
CA LEU C 163 27.53 9.44 -9.06
C LEU C 163 26.79 9.75 -10.34
N LYS C 164 26.12 8.75 -10.92
CA LYS C 164 25.28 8.99 -12.09
C LYS C 164 24.21 10.02 -11.80
N GLY C 165 23.69 10.04 -10.57
CA GLY C 165 22.67 11.01 -10.22
C GLY C 165 23.21 12.43 -10.21
N LEU C 166 24.38 12.63 -9.59
CA LEU C 166 25.03 13.94 -9.61
C LEU C 166 25.28 14.41 -11.04
N LYS C 167 25.75 13.52 -11.90
CA LYS C 167 26.06 13.90 -13.28
C LYS C 167 24.81 14.33 -14.04
N TYR C 168 23.74 13.53 -13.98
CA TYR C 168 22.57 13.81 -14.82
C TYR C 168 21.90 15.11 -14.42
N ILE C 169 21.85 15.40 -13.11
CA ILE C 169 21.21 16.62 -12.64
C ILE C 169 22.03 17.84 -13.01
N SER C 170 23.32 17.83 -12.66
CA SER C 170 24.16 19.00 -12.87
C SER C 170 24.28 19.35 -14.35
N GLU C 171 24.13 18.37 -15.23
CA GLU C 171 24.16 18.60 -16.66
C GLU C 171 22.78 18.88 -17.24
N SER C 172 21.79 19.15 -16.40
CA SER C 172 20.50 19.57 -16.89
C SER C 172 20.60 21.00 -17.43
N PRO C 173 19.86 21.31 -18.49
CA PRO C 173 19.92 22.67 -19.06
C PRO C 173 19.39 23.71 -18.08
N GLY C 174 20.21 24.72 -17.81
CA GLY C 174 19.79 25.77 -16.90
C GLY C 174 19.81 25.39 -15.44
N PHE C 175 20.53 24.33 -15.09
CA PHE C 175 20.55 23.85 -13.71
C PHE C 175 21.18 24.88 -12.78
N ILE C 176 22.41 25.30 -13.08
CA ILE C 176 23.08 26.31 -12.24
C ILE C 176 22.30 27.61 -12.17
N PRO C 177 21.75 28.16 -13.27
CA PRO C 177 20.87 29.32 -13.12
C PRO C 177 19.70 29.09 -12.19
N LEU C 178 19.10 27.90 -12.23
CA LEU C 178 17.97 27.59 -11.37
C LEU C 178 18.34 27.70 -9.90
N LEU C 179 19.55 27.24 -9.54
CA LEU C 179 19.96 27.25 -8.15
C LEU C 179 20.00 28.67 -7.58
N TRP C 180 20.47 29.65 -8.36
CA TRP C 180 20.52 31.01 -7.85
C TRP C 180 19.14 31.64 -7.83
N TRP C 181 18.30 31.32 -8.80
CA TRP C 181 16.92 31.78 -8.74
C TRP C 181 16.19 31.16 -7.56
N LEU C 182 16.58 29.95 -7.15
CA LEU C 182 16.01 29.34 -5.97
C LEU C 182 16.56 29.96 -4.69
N LEU C 183 17.78 30.52 -4.72
CA LEU C 183 18.26 31.26 -3.56
C LEU C 183 17.57 32.60 -3.41
N SER C 184 16.94 33.12 -4.46
CA SER C 184 16.11 34.31 -4.34
C SER C 184 14.87 34.06 -3.49
N ASP C 185 14.48 32.81 -3.34
CA ASP C 185 13.27 32.48 -2.59
C ASP C 185 13.42 32.93 -1.15
N PRO C 186 12.43 33.62 -0.57
CA PRO C 186 12.57 34.14 0.79
C PRO C 186 12.46 33.09 1.89
N ASP C 187 12.02 31.87 1.58
CA ASP C 187 11.81 30.87 2.61
C ASP C 187 13.15 30.29 3.06
N ALA C 188 13.36 30.23 4.39
CA ALA C 188 14.64 29.78 4.92
C ALA C 188 14.85 28.29 4.71
N GLU C 189 13.77 27.50 4.60
CA GLU C 189 13.93 26.07 4.39
C GLU C 189 14.29 25.75 2.94
N VAL C 190 13.65 26.45 1.99
CA VAL C 190 14.07 26.36 0.59
C VAL C 190 15.56 26.67 0.46
N CYS C 191 15.97 27.77 1.08
CA CYS C 191 17.37 28.19 0.98
C CYS C 191 18.31 27.18 1.60
N LEU C 192 17.93 26.61 2.76
CA LEU C 192 18.76 25.59 3.38
C LEU C 192 19.04 24.46 2.40
N HIS C 193 18.00 24.00 1.70
CA HIS C 193 18.16 22.84 0.84
C HIS C 193 18.73 23.18 -0.53
N VAL C 194 18.63 24.45 -0.96
CA VAL C 194 19.42 24.88 -2.11
C VAL C 194 20.89 24.88 -1.75
N LEU C 195 21.24 25.36 -0.55
CA LEU C 195 22.63 25.41 -0.12
C LEU C 195 23.22 24.02 0.05
N ARG C 196 22.39 23.04 0.40
CA ARG C 196 22.89 21.68 0.53
C ARG C 196 23.10 21.04 -0.84
N LEU C 197 22.22 21.36 -1.79
CA LEU C 197 22.39 20.87 -3.15
C LEU C 197 23.65 21.45 -3.77
N VAL C 198 23.83 22.76 -3.67
CA VAL C 198 25.05 23.40 -4.15
C VAL C 198 26.28 22.80 -3.46
N GLN C 199 26.19 22.60 -2.14
CA GLN C 199 27.30 21.99 -1.41
C GLN C 199 27.63 20.60 -1.94
N SER C 200 26.61 19.85 -2.36
CA SER C 200 26.85 18.50 -2.89
C SER C 200 27.62 18.55 -4.20
N VAL C 201 27.24 19.49 -5.08
CA VAL C 201 27.93 19.63 -6.36
C VAL C 201 29.39 20.03 -6.13
N VAL C 202 29.61 21.06 -5.31
CA VAL C 202 30.95 21.58 -5.09
C VAL C 202 31.86 20.52 -4.47
N LEU C 203 31.29 19.57 -3.74
CA LEU C 203 32.09 18.53 -3.11
C LEU C 203 32.68 17.53 -4.11
N GLU C 204 32.51 17.74 -5.41
CA GLU C 204 33.04 16.85 -6.43
C GLU C 204 33.71 17.67 -7.52
N PRO C 205 34.85 17.20 -8.06
CA PRO C 205 35.52 17.92 -9.16
C PRO C 205 34.62 18.20 -10.35
N GLU C 206 34.21 19.45 -10.55
CA GLU C 206 33.19 19.75 -11.54
C GLU C 206 33.48 21.01 -12.33
N VAL C 207 32.83 21.09 -13.49
CA VAL C 207 32.87 22.27 -14.34
C VAL C 207 32.47 23.50 -13.52
N PHE C 208 33.18 24.61 -13.75
CA PHE C 208 32.85 25.89 -13.17
C PHE C 208 32.72 26.93 -14.29
N SER C 209 31.66 27.72 -14.23
CA SER C 209 31.39 28.73 -15.26
C SER C 209 30.56 29.89 -14.69
N SER C 217 30.99 31.78 -11.20
CA SER C 217 31.14 33.22 -11.35
C SER C 217 29.81 33.92 -11.19
N SER C 218 28.72 33.15 -11.25
CA SER C 218 27.37 33.67 -11.01
C SER C 218 26.94 33.51 -9.57
N LEU C 219 27.82 32.97 -8.71
CA LEU C 219 27.57 32.78 -7.28
C LEU C 219 27.03 34.06 -6.65
N PRO C 220 25.76 34.10 -6.27
CA PRO C 220 25.28 35.28 -5.52
C PRO C 220 26.00 35.34 -4.20
N LEU C 221 27.31 35.65 -4.23
CA LEU C 221 28.07 35.74 -2.99
C LEU C 221 27.47 36.74 -2.03
N GLN C 222 26.58 37.62 -2.50
CA GLN C 222 25.78 38.39 -1.57
C GLN C 222 24.88 37.46 -0.77
N ARG C 223 23.93 36.82 -1.45
CA ARG C 223 22.92 36.03 -0.75
C ARG C 223 23.54 34.85 -0.01
N ILE C 224 24.68 34.34 -0.48
CA ILE C 224 25.36 33.29 0.28
C ILE C 224 26.07 33.91 1.48
N LEU C 225 26.70 35.06 1.30
CA LEU C 225 27.26 35.79 2.44
C LEU C 225 26.16 36.40 3.29
N ALA C 226 25.05 36.83 2.67
CA ALA C 226 23.93 37.34 3.44
C ALA C 226 23.38 36.27 4.38
N MSE C 227 23.40 35.02 3.94
CA MSE C 227 22.91 33.92 4.77
C MSE C 227 24.01 33.36 5.67
O MSE C 227 23.75 32.52 6.53
CB MSE C 227 22.34 32.81 3.90
CG MSE C 227 21.11 33.19 3.12
SE MSE C 227 20.73 31.87 1.75
CE MSE C 227 19.81 32.98 0.44
N SER C 228 25.25 33.83 5.46
CA SER C 228 26.37 33.28 6.22
C SER C 228 26.32 33.73 7.68
N LYS C 229 25.67 34.86 7.95
CA LYS C 229 25.50 35.37 9.31
C LYS C 229 24.00 35.39 9.59
N SER C 230 23.49 34.25 10.08
CA SER C 230 22.07 34.11 10.40
C SER C 230 21.96 33.48 11.77
N ARG C 231 20.78 33.61 12.37
CA ARG C 231 20.55 33.03 13.68
C ARG C 231 19.86 31.67 13.64
N ASN C 232 19.39 31.25 12.47
CA ASN C 232 19.19 29.83 12.23
C ASN C 232 20.58 29.19 12.20
N PRO C 233 20.96 28.41 13.20
CA PRO C 233 22.33 27.85 13.26
C PRO C 233 22.57 26.65 12.35
N ARG C 234 21.61 26.30 11.51
CA ARG C 234 21.81 25.36 10.43
C ARG C 234 21.93 26.03 9.07
N LEU C 235 21.28 27.19 8.91
CA LEU C 235 21.40 27.94 7.65
C LEU C 235 22.77 28.58 7.54
N GLN C 236 23.18 29.34 8.56
CA GLN C 236 24.50 29.95 8.56
C GLN C 236 25.59 28.89 8.49
N THR C 237 25.37 27.75 9.14
CA THR C 237 26.33 26.65 9.04
C THR C 237 26.34 26.05 7.64
N ALA C 238 25.19 26.06 6.95
CA ALA C 238 25.16 25.53 5.58
C ALA C 238 25.86 26.47 4.62
N ALA C 239 25.87 27.78 4.90
CA ALA C 239 26.59 28.71 4.03
C ALA C 239 28.07 28.76 4.39
N GLN C 240 28.40 28.75 5.68
CA GLN C 240 29.79 28.83 6.09
C GLN C 240 30.57 27.61 5.62
N GLU C 241 30.00 26.41 5.79
CA GLU C 241 30.66 25.21 5.28
C GLU C 241 30.75 25.24 3.76
N LEU C 242 29.73 25.81 3.11
CA LEU C 242 29.78 25.95 1.66
C LEU C 242 30.86 26.94 1.23
N LEU C 243 31.07 28.00 2.00
CA LEU C 243 32.07 29.01 1.64
C LEU C 243 33.49 28.46 1.69
N GLU C 244 33.75 27.53 2.62
CA GLU C 244 35.05 26.86 2.65
C GLU C 244 35.37 26.22 1.30
N ASP C 245 34.39 25.49 0.74
CA ASP C 245 34.62 24.77 -0.50
C ASP C 245 34.78 25.73 -1.67
N LEU C 246 34.05 26.85 -1.66
CA LEU C 246 34.11 27.80 -2.76
C LEU C 246 35.47 28.51 -2.84
N ARG C 247 36.33 28.33 -1.85
CA ARG C 247 37.70 28.83 -1.89
C ARG C 247 38.69 27.75 -2.31
N THR C 248 38.59 26.56 -1.71
CA THR C 248 39.48 25.45 -2.03
C THR C 248 39.08 24.76 -3.32
N PRO D 7 -2.07 -11.98 -13.21
CA PRO D 7 -1.29 -11.79 -11.98
C PRO D 7 -1.41 -12.99 -11.02
N LEU D 8 -0.28 -13.60 -10.68
CA LEU D 8 -0.26 -14.80 -9.86
C LEU D 8 -0.06 -14.46 -8.39
N ILE D 9 -0.46 -15.38 -7.52
CA ILE D 9 -0.62 -15.13 -6.09
C ILE D 9 0.00 -16.26 -5.30
N LEU D 10 1.01 -15.93 -4.51
CA LEU D 10 1.65 -16.90 -3.61
C LEU D 10 0.97 -16.87 -2.26
N VAL D 11 0.51 -18.02 -1.81
CA VAL D 11 -0.23 -18.09 -0.56
C VAL D 11 0.62 -18.74 0.51
N GLY D 12 1.53 -17.97 1.10
CA GLY D 12 2.22 -18.41 2.29
C GLY D 12 1.33 -18.20 3.50
N GLU D 13 1.11 -19.26 4.26
CA GLU D 13 0.24 -19.18 5.43
C GLU D 13 0.65 -18.07 6.40
#